data_9KZN
#
_entry.id   9KZN
#
_cell.length_a   43.271
_cell.length_b   43.271
_cell.length_c   59.477
_cell.angle_alpha   90.000
_cell.angle_beta   90.000
_cell.angle_gamma   90.000
#
_symmetry.space_group_name_H-M   'P 43'
#
loop_
_entity.id
_entity.type
_entity.pdbx_description
1 polymer 'Toll-interacting protein, Target of Myb1 membrane trafficking protein'
2 non-polymer GLYCEROL
3 water water
#
_entity_poly.entity_id   1
_entity_poly.type   'polypeptide(L)'
_entity_poly.pdbx_seq_one_letter_code
;GPMATTVSTQRGPVYIGELPQDFLRITPTSGSGSGEQIGKLRSELEMVSGNVRVMSEMLTELVPTQAEPADLELLQELNR
TCRAMQQRVLELIPQIANEQLTEELLIVNDNLNNVFLRHERFERFRTGQ
;
_entity_poly.pdbx_strand_id   A
#
loop_
_chem_comp.id
_chem_comp.type
_chem_comp.name
_chem_comp.formula
GOL non-polymer GLYCEROL 'C3 H8 O3'
#
# COMPACT_ATOMS: atom_id res chain seq x y z
N GLY A 1 -8.62 15.16 -2.88
CA GLY A 1 -9.56 14.00 -2.98
C GLY A 1 -10.04 13.59 -1.60
N PRO A 2 -10.86 12.56 -1.55
CA PRO A 2 -11.43 12.15 -0.26
C PRO A 2 -10.38 11.57 0.65
N MET A 3 -10.59 11.76 1.95
CA MET A 3 -9.82 11.05 2.95
C MET A 3 -10.09 9.58 2.85
N ALA A 4 -9.09 8.82 3.25
CA ALA A 4 -9.08 7.38 3.05
C ALA A 4 -10.22 6.71 3.78
N THR A 5 -10.79 5.73 3.11
CA THR A 5 -11.86 4.93 3.66
C THR A 5 -11.52 3.49 3.27
N THR A 6 -12.12 2.56 3.98
CA THR A 6 -11.98 1.15 3.64
C THR A 6 -13.04 0.74 2.64
N VAL A 7 -12.62 0.02 1.60
CA VAL A 7 -13.56 -0.44 0.59
C VAL A 7 -13.35 -1.93 0.37
N SER A 8 -14.45 -2.66 0.31
CA SER A 8 -14.39 -4.06 -0.07
C SER A 8 -14.08 -4.13 -1.56
N THR A 9 -13.22 -5.08 -1.91
CA THR A 9 -12.91 -5.36 -3.30
C THR A 9 -13.08 -6.85 -3.47
N GLN A 10 -13.08 -7.30 -4.69
CA GLN A 10 -13.19 -8.75 -4.89
C GLN A 10 -11.98 -9.52 -4.34
N ARG A 11 -10.94 -8.84 -3.84
CA ARG A 11 -9.74 -9.49 -3.33
C ARG A 11 -9.46 -9.21 -1.87
N GLY A 12 -10.30 -8.43 -1.20
CA GLY A 12 -10.08 -8.08 0.17
C GLY A 12 -10.23 -6.60 0.38
N PRO A 13 -10.23 -6.20 1.65
CA PRO A 13 -10.38 -4.77 1.96
C PRO A 13 -9.15 -3.97 1.63
N VAL A 14 -9.37 -2.80 1.05
CA VAL A 14 -8.32 -1.81 0.87
C VAL A 14 -8.71 -0.50 1.52
N TYR A 15 -7.71 0.25 1.96
CA TYR A 15 -7.87 1.56 2.61
C TYR A 15 -7.21 2.53 1.66
N ILE A 16 -8.03 3.30 0.94
CA ILE A 16 -7.54 4.12 -0.16
C ILE A 16 -8.10 5.54 -0.03
N GLY A 17 -7.26 6.49 -0.33
CA GLY A 17 -7.54 7.91 -0.28
C GLY A 17 -6.43 8.61 0.50
N GLU A 18 -6.68 9.87 0.83
CA GLU A 18 -5.71 10.68 1.55
C GLU A 18 -5.60 10.23 3.00
N LEU A 19 -4.39 10.04 3.48
CA LEU A 19 -4.20 9.46 4.81
C LEU A 19 -4.42 10.52 5.87
N PRO A 20 -5.15 10.22 6.93
CA PRO A 20 -5.31 11.19 8.01
C PRO A 20 -3.98 11.46 8.69
N GLN A 21 -3.88 12.62 9.32
CA GLN A 21 -2.59 13.06 9.84
C GLN A 21 -2.04 12.11 10.90
N ASP A 22 -2.91 11.35 11.57
CA ASP A 22 -2.48 10.45 12.62
C ASP A 22 -2.10 9.07 12.11
N PHE A 23 -2.30 8.77 10.83
CA PHE A 23 -2.03 7.43 10.36
C PHE A 23 -0.53 7.14 10.36
N LEU A 24 -0.12 6.10 11.12
CA LEU A 24 1.25 5.70 11.30
C LEU A 24 2.11 6.81 11.92
N ARG A 25 1.48 7.65 12.75
CA ARG A 25 2.16 8.63 13.56
C ARG A 25 1.77 8.38 15.01
N ILE A 26 2.72 8.63 15.91
CA ILE A 26 2.52 8.51 17.35
C ILE A 26 1.70 9.67 17.88
N GLN A 37 0.46 4.18 21.10
CA GLN A 37 0.16 2.77 21.19
C GLN A 37 0.73 2.00 20.01
N ILE A 38 1.56 1.01 20.36
CA ILE A 38 2.05 0.07 19.37
C ILE A 38 0.89 -0.69 18.73
N GLY A 39 -0.12 -1.03 19.52
CA GLY A 39 -1.29 -1.68 18.96
C GLY A 39 -1.91 -0.85 17.85
N LYS A 40 -2.03 0.46 18.06
CA LYS A 40 -2.64 1.29 17.04
C LYS A 40 -1.77 1.33 15.79
N LEU A 41 -0.45 1.46 15.96
CA LEU A 41 0.44 1.49 14.82
C LEU A 41 0.43 0.14 14.10
N ARG A 42 0.32 -0.96 14.84
CA ARG A 42 0.25 -2.26 14.17
C ARG A 42 -1.03 -2.40 13.37
N SER A 43 -2.15 -1.97 13.92
CA SER A 43 -3.40 -2.07 13.19
CA SER A 43 -3.40 -2.07 13.19
C SER A 43 -3.34 -1.26 11.90
N GLU A 44 -2.68 -0.09 11.96
CA GLU A 44 -2.53 0.73 10.76
C GLU A 44 -1.58 0.07 9.77
N LEU A 45 -0.50 -0.52 10.28
CA LEU A 45 0.44 -1.21 9.42
C LEU A 45 -0.22 -2.37 8.70
N GLU A 46 -1.14 -3.07 9.37
CA GLU A 46 -1.88 -4.14 8.72
C GLU A 46 -2.70 -3.65 7.55
N MET A 47 -3.22 -2.43 7.63
CA MET A 47 -3.92 -1.86 6.49
C MET A 47 -3.00 -1.60 5.31
N VAL A 48 -1.77 -1.18 5.56
CA VAL A 48 -0.80 -1.07 4.48
C VAL A 48 -0.58 -2.43 3.85
N SER A 49 -0.35 -3.44 4.67
CA SER A 49 -0.07 -4.76 4.12
C SER A 49 -1.26 -5.33 3.35
N GLY A 50 -2.48 -5.05 3.80
CA GLY A 50 -3.64 -5.48 3.05
C GLY A 50 -3.72 -4.84 1.69
N ASN A 51 -3.37 -3.54 1.61
CA ASN A 51 -3.32 -2.86 0.32
C ASN A 51 -2.25 -3.47 -0.58
N VAL A 52 -1.08 -3.75 -0.02
CA VAL A 52 0.00 -4.32 -0.82
C VAL A 52 -0.40 -5.69 -1.35
N ARG A 53 -1.08 -6.48 -0.55
CA ARG A 53 -1.49 -7.79 -1.03
C ARG A 53 -2.50 -7.71 -2.18
N VAL A 54 -3.47 -6.83 -2.04
CA VAL A 54 -4.44 -6.69 -3.12
C VAL A 54 -3.77 -6.13 -4.37
N MET A 55 -2.90 -5.14 -4.21
CA MET A 55 -2.16 -4.58 -5.34
C MET A 55 -1.32 -5.64 -6.03
N SER A 56 -0.56 -6.41 -5.27
CA SER A 56 0.26 -7.48 -5.83
C SER A 56 -0.59 -8.50 -6.58
N GLU A 57 -1.75 -8.90 -5.99
CA GLU A 57 -2.68 -9.83 -6.64
C GLU A 57 -3.18 -9.25 -7.95
N MET A 58 -3.58 -7.99 -7.95
CA MET A 58 -4.12 -7.39 -9.17
C MET A 58 -3.01 -7.32 -10.22
N LEU A 59 -1.78 -7.02 -9.82
CA LEU A 59 -0.69 -6.97 -10.77
C LEU A 59 -0.34 -8.34 -11.36
N THR A 60 -0.64 -9.42 -10.64
CA THR A 60 -0.46 -10.78 -11.14
C THR A 60 -1.68 -11.33 -11.80
N GLU A 61 -2.78 -10.64 -11.82
CA GLU A 61 -3.99 -11.21 -12.41
C GLU A 61 -4.56 -10.36 -13.54
N LEU A 62 -4.13 -9.11 -13.72
CA LEU A 62 -4.62 -8.26 -14.83
C LEU A 62 -3.70 -8.35 -16.06
N VAL A 63 -4.25 -8.04 -17.24
CA VAL A 63 -3.47 -8.01 -18.49
C VAL A 63 -3.11 -6.55 -18.77
N PRO A 64 -1.84 -6.18 -18.80
CA PRO A 64 -1.49 -4.76 -18.94
C PRO A 64 -2.23 -4.02 -20.03
N THR A 65 -2.55 -4.69 -21.13
CA THR A 65 -3.07 -4.00 -22.30
C THR A 65 -4.55 -4.29 -22.52
N GLN A 66 -5.17 -5.12 -21.74
CA GLN A 66 -6.56 -5.38 -21.98
C GLN A 66 -7.37 -5.31 -20.67
N ALA A 67 -6.80 -4.66 -19.67
CA ALA A 67 -7.48 -4.57 -18.38
C ALA A 67 -8.68 -3.65 -18.42
N GLU A 68 -9.67 -3.98 -17.62
CA GLU A 68 -10.86 -3.14 -17.55
C GLU A 68 -10.49 -1.78 -16.97
N PRO A 69 -10.99 -0.70 -17.52
CA PRO A 69 -10.71 0.63 -16.95
C PRO A 69 -10.96 0.71 -15.45
N ALA A 70 -12.01 0.08 -14.94
CA ALA A 70 -12.31 0.13 -13.52
C ALA A 70 -11.21 -0.53 -12.69
N ASP A 71 -10.66 -1.63 -13.19
CA ASP A 71 -9.56 -2.30 -12.49
C ASP A 71 -8.32 -1.43 -12.50
N LEU A 72 -8.07 -0.76 -13.62
CA LEU A 72 -6.97 0.20 -13.69
C LEU A 72 -7.15 1.36 -12.72
N GLU A 73 -8.38 1.85 -12.58
CA GLU A 73 -8.67 2.94 -11.64
C GLU A 73 -8.33 2.50 -10.22
N LEU A 74 -8.75 1.29 -9.81
CA LEU A 74 -8.44 0.79 -8.49
C LEU A 74 -6.96 0.60 -8.30
N LEU A 75 -6.27 0.07 -9.31
CA LEU A 75 -4.83 -0.09 -9.23
C LEU A 75 -4.14 1.25 -9.03
N GLN A 76 -4.62 2.30 -9.72
CA GLN A 76 -4.01 3.62 -9.58
C GLN A 76 -4.23 4.22 -8.19
N GLU A 77 -5.41 4.02 -7.62
CA GLU A 77 -5.68 4.51 -6.28
C GLU A 77 -4.85 3.74 -5.26
N LEU A 78 -4.71 2.44 -5.43
CA LEU A 78 -3.85 1.65 -4.57
C LEU A 78 -2.41 2.10 -4.66
N ASN A 79 -1.92 2.28 -5.89
CA ASN A 79 -0.54 2.70 -6.08
C ASN A 79 -0.29 4.04 -5.39
N ARG A 80 -1.21 4.99 -5.57
CA ARG A 80 -1.06 6.31 -4.96
C ARG A 80 -1.11 6.23 -3.45
N THR A 81 -2.09 5.49 -2.90
CA THR A 81 -2.19 5.40 -1.47
C THR A 81 -0.98 4.67 -0.89
N CYS A 82 -0.54 3.60 -1.54
CA CYS A 82 0.61 2.86 -1.03
C CYS A 82 1.87 3.70 -1.04
N ARG A 83 2.04 4.56 -2.00
CA ARG A 83 3.18 5.47 -1.98
C ARG A 83 3.10 6.42 -0.81
N ALA A 84 1.92 6.95 -0.52
CA ALA A 84 1.77 7.81 0.66
C ALA A 84 2.04 7.00 1.91
N MET A 85 1.60 5.74 1.93
CA MET A 85 1.81 4.87 3.08
C MET A 85 3.28 4.59 3.29
N GLN A 86 4.01 4.41 2.19
CA GLN A 86 5.43 4.21 2.31
C GLN A 86 6.10 5.40 2.97
N GLN A 87 5.74 6.63 2.55
CA GLN A 87 6.33 7.80 3.19
CA GLN A 87 6.33 7.80 3.18
C GLN A 87 6.10 7.79 4.69
N ARG A 88 4.89 7.40 5.13
CA ARG A 88 4.64 7.37 6.57
C ARG A 88 5.47 6.29 7.26
N VAL A 89 5.55 5.09 6.67
CA VAL A 89 6.39 4.02 7.20
C VAL A 89 7.84 4.51 7.40
N LEU A 90 8.40 5.16 6.39
CA LEU A 90 9.79 5.61 6.46
C LEU A 90 9.97 6.75 7.44
N GLU A 91 8.99 7.62 7.58
CA GLU A 91 9.09 8.67 8.59
C GLU A 91 8.98 8.07 9.98
N LEU A 92 8.25 6.97 10.11
CA LEU A 92 8.03 6.40 11.43
C LEU A 92 9.24 5.63 11.93
N ILE A 93 9.89 4.87 11.06
CA ILE A 93 10.97 3.96 11.45
C ILE A 93 11.95 4.62 12.40
N PRO A 94 12.53 5.81 12.09
CA PRO A 94 13.56 6.37 12.98
C PRO A 94 13.05 6.60 14.38
N GLN A 95 11.76 6.80 14.54
CA GLN A 95 11.18 7.13 15.85
C GLN A 95 10.88 5.92 16.75
N ILE A 96 10.90 4.71 16.22
CA ILE A 96 10.48 3.51 16.94
C ILE A 96 11.69 2.86 17.57
N ALA A 97 11.58 2.43 18.81
CA ALA A 97 12.63 1.63 19.45
C ALA A 97 12.21 0.18 19.65
N ASN A 98 10.92 -0.13 19.50
CA ASN A 98 10.44 -1.49 19.62
C ASN A 98 11.03 -2.36 18.52
N GLU A 99 11.84 -3.35 18.91
CA GLU A 99 12.54 -4.17 17.91
C GLU A 99 11.58 -4.87 16.94
N GLN A 100 10.48 -5.41 17.47
CA GLN A 100 9.56 -6.18 16.63
C GLN A 100 8.81 -5.28 15.67
N LEU A 101 8.35 -4.12 16.14
CA LEU A 101 7.66 -3.24 15.21
C LEU A 101 8.63 -2.71 14.15
N THR A 102 9.89 -2.45 14.53
CA THR A 102 10.89 -2.03 13.55
C THR A 102 11.05 -3.07 12.46
N GLU A 103 11.23 -4.34 12.84
CA GLU A 103 11.31 -5.42 11.84
C GLU A 103 10.09 -5.41 10.94
N GLU A 104 8.88 -5.29 11.52
CA GLU A 104 7.66 -5.28 10.73
C GLU A 104 7.64 -4.11 9.73
N LEU A 105 8.01 -2.91 10.16
CA LEU A 105 8.08 -1.77 9.27
C LEU A 105 9.04 -2.00 8.11
N LEU A 106 10.21 -2.58 8.39
CA LEU A 106 11.20 -2.84 7.36
C LEU A 106 10.69 -3.84 6.34
N ILE A 107 10.03 -4.90 6.81
CA ILE A 107 9.43 -5.86 5.88
C ILE A 107 8.36 -5.20 5.03
N VAL A 108 7.49 -4.40 5.64
CA VAL A 108 6.43 -3.77 4.85
C VAL A 108 7.05 -2.83 3.83
N ASN A 109 8.12 -2.13 4.23
CA ASN A 109 8.80 -1.26 3.29
C ASN A 109 9.36 -2.04 2.10
N ASP A 110 9.99 -3.18 2.35
CA ASP A 110 10.50 -3.96 1.21
CA ASP A 110 10.50 -3.96 1.22
C ASP A 110 9.36 -4.46 0.36
N ASN A 111 8.25 -4.83 0.98
CA ASN A 111 7.11 -5.30 0.21
C ASN A 111 6.59 -4.16 -0.66
N LEU A 112 6.57 -2.95 -0.13
CA LEU A 112 6.20 -1.79 -0.96
C LEU A 112 7.12 -1.60 -2.15
N ASN A 113 8.44 -1.56 -1.91
CA ASN A 113 9.36 -1.36 -3.02
C ASN A 113 9.23 -2.48 -4.04
N ASN A 114 9.01 -3.73 -3.61
CA ASN A 114 8.79 -4.80 -4.58
C ASN A 114 7.49 -4.64 -5.36
N VAL A 115 6.38 -4.28 -4.70
CA VAL A 115 5.14 -4.09 -5.44
C VAL A 115 5.24 -2.90 -6.41
N PHE A 116 6.00 -1.85 -6.08
CA PHE A 116 6.15 -0.73 -7.01
C PHE A 116 6.98 -1.13 -8.21
N LEU A 117 7.99 -1.98 -8.01
CA LEU A 117 8.77 -2.49 -9.12
C LEU A 117 7.89 -3.32 -10.04
N ARG A 118 7.05 -4.19 -9.47
CA ARG A 118 6.15 -4.95 -10.30
C ARG A 118 5.14 -4.05 -11.00
N HIS A 119 4.75 -2.96 -10.34
CA HIS A 119 3.82 -2.04 -10.99
C HIS A 119 4.46 -1.35 -12.20
N GLU A 120 5.72 -0.96 -12.07
CA GLU A 120 6.45 -0.36 -13.19
C GLU A 120 6.46 -1.31 -14.39
N ARG A 121 6.74 -2.60 -14.14
CA ARG A 121 6.78 -3.58 -15.22
C ARG A 121 5.43 -3.72 -15.88
N PHE A 122 4.38 -3.77 -15.08
CA PHE A 122 3.02 -3.82 -15.61
C PHE A 122 2.73 -2.61 -16.50
N GLU A 123 3.11 -1.43 -16.04
CA GLU A 123 2.89 -0.24 -16.82
C GLU A 123 3.70 -0.20 -18.09
N ARG A 124 4.89 -0.78 -18.10
CA ARG A 124 5.69 -0.80 -19.34
C ARG A 124 4.95 -1.60 -20.39
N PHE A 125 4.41 -2.75 -20.00
CA PHE A 125 3.60 -3.49 -20.96
C PHE A 125 2.45 -2.61 -21.41
N ARG A 126 1.83 -1.91 -20.46
CA ARG A 126 0.70 -1.04 -20.75
C ARG A 126 1.08 0.14 -21.66
N THR A 127 2.26 0.73 -21.45
CA THR A 127 2.72 1.88 -22.21
C THR A 127 3.71 1.58 -23.35
N GLY A 128 3.87 0.31 -23.73
CA GLY A 128 4.78 -0.05 -24.80
C GLY A 128 6.22 0.11 -24.41
C1 GOL B . -6.27 5.90 11.44
O1 GOL B . -6.64 7.26 11.69
C2 GOL B . -7.39 5.23 10.67
O2 GOL B . -6.99 3.94 10.21
C3 GOL B . -8.60 5.09 11.59
O3 GOL B . -8.98 6.37 12.11
H11 GOL B . -5.34 5.88 10.85
H12 GOL B . -6.10 5.38 12.37
HO1 GOL B . -5.88 7.84 11.54
H2 GOL B . -7.67 5.86 9.82
HO2 GOL B . -6.23 3.63 10.74
H31 GOL B . -9.42 4.64 11.05
H32 GOL B . -8.34 4.43 12.42
HO3 GOL B . -9.66 6.26 12.78
C1 GOL C . -4.58 7.85 -2.55
O1 GOL C . -5.66 7.64 -3.53
C2 GOL C . -4.08 9.38 -2.47
O2 GOL C . -5.13 10.23 -2.11
C3 GOL C . -2.80 9.34 -1.50
O3 GOL C . -3.02 8.70 -0.22
H11 GOL C . -4.85 7.60 -1.65
H12 GOL C . -3.81 7.31 -2.77
HO1 GOL C . -5.51 6.88 -3.90
H2 GOL C . -3.79 9.72 -3.32
HO2 GOL C . -5.08 10.34 -1.27
H31 GOL C . -2.09 8.91 -2.01
H32 GOL C . -2.51 10.26 -1.40
HO3 GOL C . -2.28 8.36 0.04
#